data_4B9G
#
_entry.id   4B9G
#
_cell.length_a   51.956
_cell.length_b   69.225
_cell.length_c   72.359
_cell.angle_alpha   90.00
_cell.angle_beta   90.00
_cell.angle_gamma   90.00
#
_symmetry.space_group_name_H-M   'P 21 21 21'
#
loop_
_entity.id
_entity.type
_entity.pdbx_description
1 polymer 'CS6 FIMBRIAL SUBUNIT B, CS6 FIMBRIAL SUBUNIT A'
2 water water
#
_entity_poly.entity_id   1
_entity_poly.type   'polypeptide(L)'
_entity_poly.pdbx_seq_one_letter_code
;GNWDVNVNIEQNFIPDIDSAVRIIPVNYDSDPKLNSQLYTVEMTIPAGVSAVKIVPTDSLTSSGQQIGKLVNVNNPDQNM
NYYIRKDSGAGKFMAGQKGSFSVKENTSYTFSAIYTGGEYPNSGYSSGTYAGHLTVSFYSNDNKQRTEIATKNFPVSTTI
S
;
_entity_poly.pdbx_strand_id   A,B
#
# COMPACT_ATOMS: atom_id res chain seq x y z
N ASP A 16 -8.11 7.87 3.85
CA ASP A 16 -7.92 6.47 4.22
C ASP A 16 -6.46 6.06 4.27
N ILE A 17 -5.88 6.06 5.47
CA ILE A 17 -4.46 5.77 5.57
C ILE A 17 -4.10 4.32 5.22
N ASP A 18 -4.97 3.37 5.55
CA ASP A 18 -4.71 1.97 5.26
C ASP A 18 -4.47 1.73 3.77
N SER A 19 -5.28 2.38 2.93
CA SER A 19 -5.18 2.19 1.49
C SER A 19 -4.07 3.04 0.85
N ALA A 20 -3.51 4.00 1.59
CA ALA A 20 -2.54 4.92 1.00
C ALA A 20 -1.12 4.38 0.99
N VAL A 21 -0.75 3.48 1.86
CA VAL A 21 0.58 3.03 2.20
C VAL A 21 0.75 1.54 1.95
N ARG A 22 1.91 1.16 1.39
CA ARG A 22 2.32 -0.23 1.29
C ARG A 22 3.74 -0.39 1.83
N ILE A 23 4.01 -1.55 2.43
CA ILE A 23 5.31 -1.95 2.95
C ILE A 23 5.84 -3.10 2.09
N ILE A 24 7.13 -3.05 1.77
CA ILE A 24 7.80 -4.06 0.95
C ILE A 24 9.03 -4.58 1.71
N PRO A 25 8.93 -5.76 2.36
CA PRO A 25 10.11 -6.31 3.05
C PRO A 25 11.23 -6.65 2.09
N VAL A 26 12.47 -6.55 2.57
CA VAL A 26 13.64 -7.06 1.87
C VAL A 26 14.06 -8.36 2.54
N ASN A 27 14.38 -9.33 1.70
CA ASN A 27 14.76 -10.65 2.15
C ASN A 27 16.24 -10.85 1.88
N TYR A 28 16.96 -11.29 2.91
CA TYR A 28 18.40 -11.48 2.86
C TYR A 28 18.78 -12.94 3.01
N ASP A 29 19.89 -13.34 2.42
CA ASP A 29 20.42 -14.67 2.63
C ASP A 29 21.53 -14.70 3.67
N SER A 30 21.94 -13.54 4.16
CA SER A 30 22.95 -13.43 5.21
C SER A 30 22.70 -12.16 5.98
N ASP A 31 23.53 -11.88 6.98
CA ASP A 31 23.28 -10.72 7.85
C ASP A 31 23.27 -9.42 7.06
N PRO A 32 22.31 -8.53 7.34
CA PRO A 32 22.36 -7.21 6.70
C PRO A 32 23.65 -6.48 7.04
N LYS A 33 24.11 -5.69 6.12
CA LYS A 33 25.25 -4.79 6.26
C LYS A 33 24.87 -3.35 6.61
N LEU A 34 25.79 -2.60 7.23
CA LEU A 34 25.52 -1.20 7.49
C LEU A 34 25.01 -0.57 6.21
N ASN A 35 23.94 0.20 6.37
CA ASN A 35 23.34 0.97 5.29
C ASN A 35 22.45 0.15 4.36
N SER A 36 22.24 -1.12 4.59
CA SER A 36 21.35 -1.99 3.86
C SER A 36 19.90 -1.64 4.11
N GLN A 37 19.09 -1.81 3.08
CA GLN A 37 17.67 -1.58 3.20
C GLN A 37 16.98 -2.82 3.74
N LEU A 38 16.25 -2.66 4.85
CA LEU A 38 15.53 -3.77 5.49
C LEU A 38 14.11 -3.93 4.95
N TYR A 39 13.46 -2.82 4.63
CA TYR A 39 12.16 -2.78 3.99
C TYR A 39 12.03 -1.41 3.34
N THR A 40 11.05 -1.29 2.45
CA THR A 40 10.74 0.02 1.86
C THR A 40 9.24 0.30 2.07
N VAL A 41 8.90 1.57 1.90
CA VAL A 41 7.55 2.08 2.11
C VAL A 41 7.19 2.93 0.89
N GLU A 42 6.00 2.73 0.35
CA GLU A 42 5.51 3.54 -0.77
C GLU A 42 4.14 4.07 -0.41
N MET A 43 3.88 5.34 -0.73
CA MET A 43 2.58 5.94 -0.45
C MET A 43 2.25 7.04 -1.46
N THR A 44 0.98 7.23 -1.75
CA THR A 44 0.57 8.44 -2.50
C THR A 44 -0.26 9.27 -1.55
N ILE A 45 -0.06 10.55 -1.54
CA ILE A 45 -0.71 11.42 -0.57
C ILE A 45 -2.17 11.69 -1.00
N PRO A 46 -3.15 11.34 -0.16
CA PRO A 46 -4.54 11.64 -0.52
C PRO A 46 -4.81 13.12 -0.52
N ALA A 47 -5.79 13.53 -1.33
CA ALA A 47 -6.24 14.91 -1.31
C ALA A 47 -6.66 15.26 0.12
N GLY A 48 -6.29 16.45 0.59
CA GLY A 48 -6.61 16.88 1.93
C GLY A 48 -5.51 16.65 2.95
N VAL A 49 -4.46 15.91 2.59
CA VAL A 49 -3.34 15.68 3.50
C VAL A 49 -2.23 16.66 3.16
N SER A 50 -1.82 17.45 4.10
CA SER A 50 -0.79 18.45 4.01
C SER A 50 0.56 18.06 4.54
N ALA A 51 0.60 17.11 5.47
CA ALA A 51 1.86 16.70 6.10
C ALA A 51 1.79 15.25 6.53
N VAL A 52 2.97 14.65 6.62
CA VAL A 52 3.16 13.26 6.99
C VAL A 52 4.22 13.14 8.08
N LYS A 53 4.02 12.27 9.04
CA LYS A 53 4.95 11.73 10.01
C LYS A 53 5.17 10.26 9.69
N ILE A 54 6.43 9.84 9.70
CA ILE A 54 6.77 8.44 9.45
C ILE A 54 7.94 8.08 10.37
N VAL A 55 7.75 7.29 11.37
CA VAL A 55 8.64 7.00 12.44
C VAL A 55 8.44 5.57 12.99
N PRO A 56 9.54 4.81 13.20
CA PRO A 56 9.32 3.51 13.83
C PRO A 56 8.60 3.66 15.15
N THR A 57 7.74 2.74 15.46
CA THR A 57 7.12 2.62 16.72
C THR A 57 8.14 2.38 17.81
N ASP A 58 7.94 3.04 18.91
CA ASP A 58 8.87 2.85 20.03
C ASP A 58 10.34 3.22 19.75
N SER A 59 10.57 4.28 19.00
CA SER A 59 11.92 4.71 18.61
C SER A 59 12.67 5.37 19.77
N LEU A 60 13.97 5.41 19.66
CA LEU A 60 14.88 6.10 20.53
C LEU A 60 15.79 7.03 19.73
N THR A 61 16.14 8.19 20.30
CA THR A 61 16.95 9.14 19.58
C THR A 61 18.42 8.79 19.69
N SER A 62 19.09 8.73 18.55
CA SER A 62 20.52 8.52 18.50
C SER A 62 21.06 9.26 17.29
N SER A 63 22.11 10.06 17.49
CA SER A 63 22.69 10.85 16.39
C SER A 63 21.64 11.62 15.60
N GLY A 64 20.68 12.21 16.30
CA GLY A 64 19.67 13.04 15.68
C GLY A 64 18.56 12.28 14.94
N GLN A 65 18.53 10.96 15.09
CA GLN A 65 17.63 10.11 14.34
C GLN A 65 16.78 9.28 15.29
N GLN A 66 15.56 8.97 14.84
CA GLN A 66 14.68 8.04 15.52
C GLN A 66 14.98 6.60 15.08
N ILE A 67 15.62 5.85 15.98
CA ILE A 67 16.03 4.49 15.70
C ILE A 67 14.96 3.51 16.15
N GLY A 68 14.49 2.67 15.23
CA GLY A 68 13.56 1.60 15.54
C GLY A 68 14.26 0.25 15.56
N LYS A 69 13.51 -0.76 15.99
CA LYS A 69 14.00 -2.13 16.05
C LYS A 69 13.09 -3.09 15.27
N LEU A 70 13.72 -4.03 14.57
CA LEU A 70 13.03 -5.22 14.06
C LEU A 70 13.57 -6.38 14.90
N VAL A 71 12.66 -7.06 15.59
CA VAL A 71 13.03 -8.09 16.57
C VAL A 71 12.71 -9.47 16.01
N ASN A 72 13.67 -10.39 16.14
CA ASN A 72 13.47 -11.77 15.73
C ASN A 72 12.23 -12.32 16.44
N VAL A 73 11.28 -12.82 15.66
CA VAL A 73 10.00 -13.24 16.21
C VAL A 73 10.09 -14.52 17.07
N ASN A 74 11.22 -15.22 16.96
CA ASN A 74 11.47 -16.44 17.74
C ASN A 74 12.45 -16.24 18.90
N ASN A 75 13.27 -15.20 18.84
CA ASN A 75 14.37 -15.02 19.76
C ASN A 75 14.44 -13.54 20.10
N PRO A 76 13.82 -13.14 21.21
CA PRO A 76 13.69 -11.72 21.54
C PRO A 76 15.04 -11.01 21.78
N ASP A 77 16.11 -11.74 22.00
CA ASP A 77 17.41 -11.12 22.25
C ASP A 77 18.15 -10.70 20.97
N GLN A 78 17.59 -11.01 19.80
CA GLN A 78 18.20 -10.64 18.53
C GLN A 78 17.35 -9.58 17.85
N ASN A 79 17.97 -8.46 17.49
CA ASN A 79 17.22 -7.38 16.88
C ASN A 79 18.13 -6.52 16.00
N MET A 80 17.49 -5.81 15.08
CA MET A 80 18.15 -4.93 14.12
C MET A 80 17.67 -3.51 14.36
N ASN A 81 18.62 -2.58 14.46
CA ASN A 81 18.34 -1.15 14.57
C ASN A 81 18.29 -0.50 13.19
N TYR A 82 17.41 0.48 13.00
CA TYR A 82 17.31 1.15 11.71
C TYR A 82 16.71 2.53 11.85
N TYR A 83 16.88 3.35 10.81
CA TYR A 83 16.18 4.62 10.70
C TYR A 83 15.49 4.72 9.33
N ILE A 84 14.55 5.65 9.19
CA ILE A 84 13.83 5.87 7.94
C ILE A 84 14.47 7.01 7.13
N ARG A 85 14.76 6.72 5.86
CA ARG A 85 15.29 7.67 4.88
C ARG A 85 14.23 7.89 3.80
N LYS A 86 13.99 9.15 3.41
CA LYS A 86 13.11 9.43 2.27
C LYS A 86 13.90 9.26 0.98
N ASP A 87 13.38 8.44 0.07
CA ASP A 87 14.02 8.20 -1.22
C ASP A 87 13.33 8.84 -2.43
N SER A 88 12.12 9.35 -2.29
CA SER A 88 11.51 10.16 -3.35
C SER A 88 10.32 10.91 -2.79
N GLY A 89 9.98 12.01 -3.47
CA GLY A 89 8.86 12.87 -3.13
C GLY A 89 9.33 14.18 -2.52
N ALA A 90 8.75 15.30 -2.92
CA ALA A 90 9.26 16.62 -2.51
C ALA A 90 8.95 16.95 -1.05
N GLY A 91 9.92 17.53 -0.35
CA GLY A 91 9.68 18.06 0.98
C GLY A 91 10.87 17.96 1.92
N LYS A 92 10.78 18.70 3.03
CA LYS A 92 11.85 18.88 3.99
C LYS A 92 11.82 17.79 5.07
N PHE A 93 12.28 16.59 4.70
CA PHE A 93 12.43 15.43 5.61
C PHE A 93 13.91 15.12 5.86
N MET A 94 14.34 15.23 7.11
CA MET A 94 15.68 14.83 7.52
C MET A 94 15.62 13.36 7.91
N ALA A 95 16.55 12.56 7.41
CA ALA A 95 16.54 11.12 7.71
C ALA A 95 16.37 10.91 9.21
N GLY A 96 15.46 10.02 9.55
CA GLY A 96 15.20 9.66 10.93
C GLY A 96 14.37 10.64 11.73
N GLN A 97 13.81 11.70 11.14
CA GLN A 97 13.13 12.70 11.98
C GLN A 97 11.84 12.18 12.60
N LYS A 98 11.44 12.71 13.72
CA LYS A 98 10.23 12.42 14.45
C LYS A 98 9.06 13.29 14.06
N GLY A 99 9.31 14.47 13.55
CA GLY A 99 8.22 15.38 13.28
C GLY A 99 7.57 15.14 11.93
N SER A 100 6.40 15.75 11.75
CA SER A 100 5.77 15.73 10.44
C SER A 100 6.49 16.70 9.50
N PHE A 101 6.31 16.48 8.20
CA PHE A 101 6.83 17.39 7.19
C PHE A 101 5.77 17.60 6.11
N SER A 102 5.80 18.77 5.48
CA SER A 102 4.80 19.12 4.48
C SER A 102 5.07 18.39 3.16
N VAL A 103 3.99 17.86 2.58
CA VAL A 103 4.01 17.03 1.37
C VAL A 103 3.10 17.63 0.30
N LYS A 104 3.23 17.15 -0.91
CA LYS A 104 2.41 17.50 -2.06
C LYS A 104 1.32 16.45 -2.31
N GLU A 105 0.07 16.91 -2.27
CA GLU A 105 -1.03 15.97 -2.46
C GLU A 105 -1.03 15.37 -3.87
N ASN A 106 -1.50 14.12 -3.96
CA ASN A 106 -1.62 13.40 -5.23
C ASN A 106 -0.27 13.15 -5.88
N THR A 107 0.77 13.08 -5.09
CA THR A 107 2.07 12.68 -5.51
C THR A 107 2.59 11.56 -4.63
N SER A 108 3.57 10.87 -5.16
CA SER A 108 4.03 9.65 -4.50
C SER A 108 5.34 9.86 -3.74
N TYR A 109 5.47 9.15 -2.62
CA TYR A 109 6.64 9.20 -1.75
C TYR A 109 7.14 7.78 -1.51
N THR A 110 8.46 7.63 -1.43
CA THR A 110 9.05 6.37 -1.06
C THR A 110 10.05 6.60 0.05
N PHE A 111 10.18 5.60 0.93
CA PHE A 111 11.08 5.63 2.06
C PHE A 111 11.74 4.27 2.19
N SER A 112 12.87 4.16 2.83
CA SER A 112 13.63 3.02 3.11
C SER A 112 14.00 2.93 4.61
N ALA A 113 13.94 1.73 5.17
CA ALA A 113 14.47 1.42 6.50
C ALA A 113 15.92 1.00 6.36
N ILE A 114 16.82 1.78 6.96
CA ILE A 114 18.26 1.64 6.76
C ILE A 114 18.93 1.07 8.02
N TYR A 115 19.57 -0.10 7.88
CA TYR A 115 20.22 -0.80 8.98
C TYR A 115 21.39 0.00 9.54
N THR A 116 21.44 0.11 10.86
CA THR A 116 22.50 0.85 11.54
C THR A 116 23.28 0.05 12.57
N GLY A 117 22.87 -1.19 12.83
CA GLY A 117 23.51 -2.02 13.85
C GLY A 117 22.47 -2.88 14.54
N GLY A 118 22.82 -3.52 15.64
CA GLY A 118 21.85 -4.35 16.33
C GLY A 118 22.46 -5.16 17.44
N GLU A 119 21.66 -6.10 17.94
CA GLU A 119 22.03 -7.01 19.00
C GLU A 119 21.93 -8.44 18.46
N TYR A 120 23.04 -9.15 18.54
CA TYR A 120 23.14 -10.50 18.04
C TYR A 120 24.29 -11.20 18.74
N PRO A 121 24.21 -12.54 18.82
CA PRO A 121 25.33 -13.27 19.42
C PRO A 121 26.54 -13.27 18.49
N ASN A 122 27.64 -13.80 18.98
CA ASN A 122 28.89 -13.79 18.21
C ASN A 122 28.80 -14.45 16.84
N SER A 123 27.90 -15.39 16.70
CA SER A 123 27.72 -16.11 15.43
C SER A 123 26.87 -15.32 14.44
N GLY A 124 26.39 -14.15 14.82
CA GLY A 124 25.55 -13.35 13.95
C GLY A 124 24.07 -13.65 14.11
N TYR A 125 23.26 -13.12 13.20
CA TYR A 125 21.81 -13.27 13.29
C TYR A 125 21.35 -14.68 12.92
N SER A 126 20.34 -15.16 13.64
CA SER A 126 19.68 -16.39 13.29
C SER A 126 18.76 -16.21 12.07
N SER A 127 18.62 -17.26 11.27
CA SER A 127 17.59 -17.29 10.23
C SER A 127 16.21 -17.04 10.84
N GLY A 128 15.38 -16.26 10.16
CA GLY A 128 14.01 -16.03 10.61
C GLY A 128 13.51 -14.66 10.20
N THR A 129 12.31 -14.34 10.67
CA THR A 129 11.69 -13.05 10.45
C THR A 129 11.99 -12.09 11.60
N TYR A 130 12.28 -10.84 11.24
CA TYR A 130 12.56 -9.76 12.17
C TYR A 130 11.46 -8.72 11.94
N ALA A 131 10.65 -8.45 12.97
CA ALA A 131 9.42 -7.69 12.78
C ALA A 131 9.31 -6.53 13.75
N GLY A 132 8.47 -5.58 13.38
CA GLY A 132 8.15 -4.44 14.22
C GLY A 132 6.95 -3.69 13.65
N HIS A 133 6.82 -2.42 14.02
CA HIS A 133 5.76 -1.57 13.52
C HIS A 133 6.31 -0.21 13.15
N LEU A 134 5.66 0.41 12.18
CA LEU A 134 6.02 1.74 11.68
C LEU A 134 4.79 2.63 11.82
N THR A 135 4.93 3.75 12.53
CA THR A 135 3.86 4.73 12.65
C THR A 135 3.89 5.66 11.43
N VAL A 136 2.76 5.75 10.75
CA VAL A 136 2.54 6.77 9.72
C VAL A 136 1.32 7.57 10.14
N SER A 137 1.45 8.89 10.13
CA SER A 137 0.36 9.79 10.47
C SER A 137 0.21 10.85 9.38
N PHE A 138 -1.05 11.18 9.10
CA PHE A 138 -1.42 12.20 8.13
C PHE A 138 -2.05 13.40 8.88
N TYR A 139 -1.75 14.61 8.41
CA TYR A 139 -2.19 15.86 9.03
C TYR A 139 -2.81 16.78 8.00
N SER A 140 -3.72 17.63 8.46
CA SER A 140 -4.15 18.79 7.69
C SER A 140 -3.59 20.03 8.41
N ASN A 141 -3.32 21.09 7.74
CA ASN A 141 -2.84 22.28 8.34
C ASN A 141 -3.71 23.39 7.81
N ASP A 142 -4.66 23.74 8.59
CA ASP A 142 -5.65 24.71 8.26
C ASP A 142 -5.44 25.94 9.09
N ASN A 143 -5.01 26.99 8.44
CA ASN A 143 -4.87 28.28 9.08
C ASN A 143 -4.00 28.25 10.36
N LYS A 144 -2.79 27.72 10.23
CA LYS A 144 -1.79 27.71 11.30
C LYS A 144 -2.01 26.67 12.39
N GLN A 145 -3.04 25.82 12.21
CA GLN A 145 -3.29 24.73 13.14
C GLN A 145 -3.05 23.39 12.46
N ARG A 146 -2.07 22.63 12.95
CA ARG A 146 -1.86 21.29 12.46
C ARG A 146 -2.77 20.34 13.22
N THR A 147 -3.48 19.52 12.46
CA THR A 147 -4.42 18.58 13.02
C THR A 147 -4.11 17.20 12.49
N GLU A 148 -3.90 16.23 13.33
CA GLU A 148 -3.79 14.84 12.92
C GLU A 148 -5.12 14.35 12.49
N ILE A 149 -5.18 13.83 11.27
CA ILE A 149 -6.42 13.32 10.72
C ILE A 149 -6.47 11.80 10.51
N ALA A 150 -5.32 11.13 10.53
CA ALA A 150 -5.30 9.67 10.47
C ALA A 150 -3.94 9.20 10.96
N THR A 151 -3.91 8.02 11.59
CA THR A 151 -2.66 7.39 11.97
C THR A 151 -2.81 5.88 12.00
N LYS A 152 -1.80 5.12 11.74
CA LYS A 152 -1.74 3.69 11.74
C LYS A 152 -0.32 3.23 12.06
N ASN A 153 -0.24 2.20 12.90
CA ASN A 153 0.99 1.48 13.12
C ASN A 153 1.03 0.25 12.21
N PHE A 154 1.73 0.35 11.09
CA PHE A 154 1.80 -0.73 10.11
C PHE A 154 2.80 -1.81 10.53
N PRO A 155 2.39 -3.09 10.47
CA PRO A 155 3.40 -4.15 10.63
C PRO A 155 4.44 -4.12 9.51
N VAL A 156 5.71 -4.25 9.90
CA VAL A 156 6.84 -4.24 8.98
C VAL A 156 7.76 -5.41 9.33
N SER A 157 8.57 -5.84 8.36
CA SER A 157 9.49 -6.95 8.58
C SER A 157 10.62 -6.96 7.58
N THR A 158 11.65 -7.72 7.95
CA THR A 158 12.70 -8.18 7.05
C THR A 158 12.92 -9.66 7.40
N THR A 159 13.61 -10.38 6.53
CA THR A 159 13.88 -11.79 6.80
C THR A 159 15.34 -12.13 6.46
N ILE A 160 15.85 -13.12 7.17
CA ILE A 160 17.09 -13.80 6.78
C ILE A 160 16.69 -15.25 6.52
N SER A 161 17.02 -15.77 5.35
CA SER A 161 16.59 -17.11 4.99
C SER A 161 17.21 -18.20 5.87
N ASP B 16 -0.61 -9.20 6.99
CA ASP B 16 -1.39 -7.99 7.19
C ASP B 16 -1.74 -7.35 5.88
N ILE B 17 -3.02 -7.41 5.53
CA ILE B 17 -3.42 -6.97 4.22
C ILE B 17 -3.32 -5.46 4.04
N ASP B 18 -3.43 -4.71 5.14
CA ASP B 18 -3.24 -3.26 5.08
C ASP B 18 -1.80 -2.85 4.78
N SER B 19 -0.82 -3.55 5.33
CA SER B 19 0.55 -3.27 4.94
C SER B 19 0.83 -3.69 3.51
N ALA B 20 0.08 -4.65 2.98
CA ALA B 20 0.39 -5.21 1.67
C ALA B 20 -0.15 -4.43 0.48
N VAL B 21 -1.24 -3.76 0.55
CA VAL B 21 -2.01 -3.20 -0.54
C VAL B 21 -2.10 -1.68 -0.47
N ARG B 22 -1.84 -1.03 -1.59
CA ARG B 22 -2.18 0.38 -1.71
C ARG B 22 -2.93 0.68 -2.99
N ILE B 23 -3.75 1.72 -2.89
CA ILE B 23 -4.64 2.20 -3.95
C ILE B 23 -4.15 3.60 -4.36
N ILE B 24 -4.13 3.86 -5.66
CA ILE B 24 -3.70 5.15 -6.20
C ILE B 24 -4.78 5.68 -7.16
N PRO B 25 -5.57 6.68 -6.73
CA PRO B 25 -6.58 7.24 -7.63
C PRO B 25 -5.95 7.99 -8.80
N VAL B 26 -6.65 8.00 -9.93
CA VAL B 26 -6.30 8.88 -11.04
C VAL B 26 -7.31 10.03 -11.06
N ASN B 27 -6.82 11.24 -11.29
CA ASN B 27 -7.65 12.41 -11.28
C ASN B 27 -7.80 12.91 -12.71
N TYR B 28 -9.04 13.23 -13.10
CA TYR B 28 -9.38 13.68 -14.45
C TYR B 28 -9.92 15.09 -14.44
N ASP B 29 -9.64 15.87 -15.47
CA ASP B 29 -10.32 17.15 -15.66
C ASP B 29 -11.56 17.00 -16.55
N SER B 30 -11.58 15.98 -17.39
CA SER B 30 -12.67 15.74 -18.34
C SER B 30 -13.08 14.28 -18.28
N ASP B 31 -14.12 13.91 -19.02
CA ASP B 31 -14.64 12.54 -18.97
C ASP B 31 -13.53 11.53 -19.25
N PRO B 32 -13.43 10.46 -18.43
CA PRO B 32 -12.60 9.33 -18.84
C PRO B 32 -13.09 8.76 -20.17
N LYS B 33 -12.16 8.28 -20.97
CA LYS B 33 -12.50 7.66 -22.23
C LYS B 33 -12.36 6.14 -22.09
N LEU B 34 -12.95 5.37 -22.94
CA LEU B 34 -12.78 4.00 -23.05
C LEU B 34 -11.34 3.61 -22.88
N ASN B 35 -11.12 2.68 -21.96
CA ASN B 35 -9.79 2.17 -21.65
C ASN B 35 -8.94 3.03 -20.69
N SER B 36 -9.48 4.17 -20.26
CA SER B 36 -8.78 5.02 -19.29
C SER B 36 -8.59 4.29 -17.94
N GLN B 37 -7.46 4.52 -17.27
CA GLN B 37 -7.26 4.03 -15.91
C GLN B 37 -7.95 4.95 -14.90
N LEU B 38 -8.83 4.38 -14.08
CA LEU B 38 -9.53 5.15 -13.05
C LEU B 38 -8.77 5.20 -11.74
N TYR B 39 -8.10 4.09 -11.42
CA TYR B 39 -7.22 4.00 -10.27
C TYR B 39 -6.30 2.82 -10.53
N THR B 40 -5.20 2.74 -9.77
CA THR B 40 -4.34 1.58 -9.82
C THR B 40 -4.17 0.99 -8.42
N VAL B 41 -3.68 -0.25 -8.40
CA VAL B 41 -3.49 -1.01 -7.17
C VAL B 41 -2.09 -1.59 -7.19
N GLU B 42 -1.35 -1.47 -6.10
CA GLU B 42 -0.03 -2.10 -5.99
C GLU B 42 -0.03 -2.94 -4.74
N MET B 43 0.50 -4.15 -4.81
CA MET B 43 0.49 -5.02 -3.64
C MET B 43 1.75 -5.85 -3.53
N THR B 44 2.17 -6.01 -2.29
CA THR B 44 3.23 -6.91 -1.88
C THR B 44 2.60 -8.25 -1.53
N ILE B 45 3.11 -9.36 -2.04
CA ILE B 45 2.61 -10.68 -1.63
C ILE B 45 3.38 -11.11 -0.38
N PRO B 46 2.68 -11.28 0.74
CA PRO B 46 3.36 -11.73 1.95
C PRO B 46 3.94 -13.13 1.81
N ALA B 47 4.96 -13.42 2.61
CA ALA B 47 5.45 -14.78 2.74
C ALA B 47 4.29 -15.72 3.07
N GLY B 48 4.24 -16.86 2.38
CA GLY B 48 3.23 -17.87 2.65
C GLY B 48 1.92 -17.71 1.88
N VAL B 49 1.77 -16.64 1.12
CA VAL B 49 0.59 -16.44 0.29
C VAL B 49 0.85 -17.01 -1.11
N SER B 50 -0.08 -17.86 -1.56
CA SER B 50 0.03 -18.59 -2.82
C SER B 50 -0.91 -18.11 -3.91
N ALA B 51 -1.95 -17.35 -3.55
CA ALA B 51 -2.94 -16.93 -4.54
C ALA B 51 -3.62 -15.65 -4.05
N VAL B 52 -4.14 -14.91 -5.03
CA VAL B 52 -4.84 -13.64 -4.81
C VAL B 52 -6.14 -13.65 -5.59
N LYS B 53 -7.21 -13.10 -5.08
CA LYS B 53 -8.43 -12.70 -5.72
C LYS B 53 -8.53 -11.18 -5.63
N ILE B 54 -8.87 -10.55 -6.74
CA ILE B 54 -9.02 -9.10 -6.80
C ILE B 54 -10.20 -8.79 -7.71
N VAL B 55 -11.31 -8.35 -7.10
CA VAL B 55 -12.55 -8.16 -7.83
C VAL B 55 -13.27 -6.95 -7.25
N PRO B 56 -13.89 -6.11 -8.08
CA PRO B 56 -14.70 -5.03 -7.49
C PRO B 56 -15.76 -5.60 -6.56
N THR B 57 -16.00 -4.95 -5.43
CA THR B 57 -17.02 -5.40 -4.51
C THR B 57 -18.38 -5.23 -5.24
N ASP B 58 -19.28 -6.20 -5.09
CA ASP B 58 -20.59 -6.15 -5.74
C ASP B 58 -20.53 -6.08 -7.26
N SER B 59 -19.61 -6.83 -7.86
CA SER B 59 -19.51 -6.89 -9.30
C SER B 59 -20.70 -7.54 -9.97
N LEU B 60 -20.93 -7.19 -11.21
CA LEU B 60 -21.80 -7.84 -12.13
C LEU B 60 -21.00 -8.44 -13.26
N THR B 61 -21.45 -9.55 -13.81
CA THR B 61 -20.71 -10.16 -14.91
C THR B 61 -21.17 -9.62 -16.26
N SER B 62 -20.29 -9.14 -17.09
CA SER B 62 -20.54 -8.68 -18.46
C SER B 62 -19.27 -8.88 -19.28
N SER B 63 -19.43 -9.32 -20.53
CA SER B 63 -18.30 -9.68 -21.39
C SER B 63 -17.32 -10.64 -20.70
N GLY B 64 -17.85 -11.50 -19.85
CA GLY B 64 -17.04 -12.47 -19.14
C GLY B 64 -16.14 -11.85 -18.06
N GLN B 65 -16.44 -10.61 -17.66
CA GLN B 65 -15.64 -9.85 -16.71
C GLN B 65 -16.47 -9.46 -15.50
N GLN B 66 -15.81 -9.34 -14.36
CA GLN B 66 -16.41 -8.78 -13.15
C GLN B 66 -16.36 -7.26 -13.23
N ILE B 67 -17.47 -6.65 -13.57
CA ILE B 67 -17.56 -5.21 -13.76
C ILE B 67 -17.99 -4.55 -12.46
N GLY B 68 -17.18 -3.58 -12.02
CA GLY B 68 -17.47 -2.76 -10.87
C GLY B 68 -18.02 -1.42 -11.27
N LYS B 69 -18.45 -0.67 -10.26
CA LYS B 69 -19.03 0.64 -10.46
C LYS B 69 -18.41 1.62 -9.46
N LEU B 70 -18.04 2.80 -9.94
CA LEU B 70 -17.68 3.93 -9.09
C LEU B 70 -18.79 4.96 -9.25
N VAL B 71 -19.39 5.36 -8.14
CA VAL B 71 -20.61 6.16 -8.13
C VAL B 71 -20.30 7.55 -7.58
N ASN B 72 -20.72 8.60 -8.28
CA ASN B 72 -20.54 9.97 -7.83
C ASN B 72 -21.19 10.13 -6.47
N VAL B 73 -20.45 10.53 -5.46
CA VAL B 73 -20.88 10.63 -4.09
C VAL B 73 -22.01 11.59 -3.87
N ASN B 74 -22.10 12.55 -4.74
CA ASN B 74 -23.14 13.56 -4.63
C ASN B 74 -24.26 13.46 -5.67
N ASN B 75 -24.17 12.50 -6.57
CA ASN B 75 -25.23 12.25 -7.54
C ASN B 75 -25.17 10.82 -7.98
N PRO B 76 -25.89 9.94 -7.28
CA PRO B 76 -25.72 8.51 -7.57
C PRO B 76 -26.35 8.09 -8.88
N ASP B 77 -26.90 9.03 -9.65
CA ASP B 77 -27.36 8.71 -10.98
C ASP B 77 -26.18 8.70 -11.96
N GLN B 78 -25.02 9.19 -11.53
CA GLN B 78 -23.82 9.19 -12.38
C GLN B 78 -22.80 8.19 -11.88
N ASN B 79 -22.31 7.33 -12.77
CA ASN B 79 -21.41 6.27 -12.37
C ASN B 79 -20.52 5.82 -13.53
N MET B 80 -19.45 5.11 -13.17
CA MET B 80 -18.44 4.64 -14.10
C MET B 80 -18.25 3.13 -13.90
N ASN B 81 -18.34 2.37 -14.98
CA ASN B 81 -18.09 0.94 -14.96
C ASN B 81 -16.63 0.67 -15.29
N TYR B 82 -16.09 -0.41 -14.73
CA TYR B 82 -14.70 -0.77 -14.97
C TYR B 82 -14.44 -2.24 -14.69
N TYR B 83 -13.33 -2.74 -15.19
CA TYR B 83 -12.79 -4.05 -14.80
C TYR B 83 -11.34 -3.90 -14.34
N ILE B 84 -10.86 -4.92 -13.65
CA ILE B 84 -9.47 -4.97 -13.18
C ILE B 84 -8.58 -5.73 -14.17
N ARG B 85 -7.44 -5.12 -14.51
CA ARG B 85 -6.43 -5.69 -15.39
C ARG B 85 -5.10 -5.79 -14.63
N LYS B 86 -4.33 -6.81 -14.79
CA LYS B 86 -2.98 -6.95 -14.27
C LYS B 86 -2.01 -6.24 -15.16
N ASP B 87 -1.24 -5.31 -14.58
CA ASP B 87 -0.21 -4.57 -15.30
C ASP B 87 1.20 -5.17 -15.12
N SER B 88 1.46 -5.80 -13.99
CA SER B 88 2.76 -6.40 -13.71
C SER B 88 2.63 -7.46 -12.64
N GLY B 89 3.52 -8.43 -12.67
CA GLY B 89 3.63 -9.47 -11.67
C GLY B 89 3.61 -10.86 -12.29
N ALA B 90 4.22 -11.81 -11.61
CA ALA B 90 4.36 -13.16 -12.14
C ALA B 90 3.06 -13.96 -12.13
N GLY B 91 2.74 -14.59 -13.26
CA GLY B 91 1.56 -15.42 -13.33
C GLY B 91 0.56 -14.89 -14.33
N LYS B 92 -0.56 -15.52 -14.44
CA LYS B 92 -1.55 -15.21 -15.41
C LYS B 92 -2.85 -14.78 -14.74
N PHE B 93 -3.31 -13.60 -15.16
CA PHE B 93 -4.56 -13.02 -14.69
C PHE B 93 -5.35 -12.54 -15.89
N MET B 94 -6.46 -13.12 -16.17
CA MET B 94 -7.34 -12.72 -17.24
C MET B 94 -8.12 -11.52 -16.77
N ALA B 95 -8.04 -10.45 -17.55
CA ALA B 95 -8.68 -9.20 -17.18
C ALA B 95 -10.12 -9.48 -16.74
N GLY B 96 -10.50 -8.95 -15.59
CA GLY B 96 -11.84 -9.08 -15.08
C GLY B 96 -12.18 -10.40 -14.40
N GLN B 97 -11.22 -11.30 -14.21
CA GLN B 97 -11.57 -12.61 -13.72
C GLN B 97 -12.06 -12.58 -12.27
N LYS B 98 -12.93 -13.47 -11.92
CA LYS B 98 -13.55 -13.66 -10.63
C LYS B 98 -12.75 -14.55 -9.71
N GLY B 99 -12.14 -15.59 -10.26
CA GLY B 99 -11.42 -16.55 -9.45
C GLY B 99 -10.08 -16.02 -8.97
N SER B 100 -9.50 -16.72 -8.00
CA SER B 100 -8.15 -16.43 -7.58
C SER B 100 -7.15 -16.88 -8.64
N PHE B 101 -5.94 -16.33 -8.57
CA PHE B 101 -4.85 -16.75 -9.45
C PHE B 101 -3.59 -16.94 -8.63
N SER B 102 -2.73 -17.83 -9.10
CA SER B 102 -1.49 -18.16 -8.42
C SER B 102 -0.48 -17.03 -8.52
N VAL B 103 0.13 -16.70 -7.39
CA VAL B 103 1.12 -15.62 -7.30
C VAL B 103 2.39 -16.13 -6.65
N LYS B 104 3.45 -15.34 -6.82
CA LYS B 104 4.76 -15.59 -6.23
C LYS B 104 4.96 -14.74 -4.97
N GLU B 105 5.13 -15.41 -3.83
CA GLU B 105 5.35 -14.72 -2.57
C GLU B 105 6.61 -13.82 -2.65
N ASN B 106 6.60 -12.76 -1.85
CA ASN B 106 7.73 -11.86 -1.73
C ASN B 106 8.07 -11.19 -3.06
N THR B 107 7.02 -10.95 -3.86
CA THR B 107 7.13 -10.16 -5.07
C THR B 107 5.92 -9.21 -5.12
N SER B 108 5.97 -8.25 -6.04
CA SER B 108 4.94 -7.24 -6.17
C SER B 108 4.11 -7.38 -7.45
N TYR B 109 2.85 -6.95 -7.34
CA TYR B 109 1.89 -6.98 -8.43
C TYR B 109 1.27 -5.59 -8.56
N THR B 110 0.95 -5.20 -9.78
CA THR B 110 0.24 -3.97 -10.00
C THR B 110 -0.94 -4.24 -10.95
N PHE B 111 -2.06 -3.55 -10.69
CA PHE B 111 -3.30 -3.70 -11.43
C PHE B 111 -3.87 -2.31 -11.74
N SER B 112 -4.73 -2.25 -12.75
CA SER B 112 -5.44 -1.04 -13.14
C SER B 112 -6.95 -1.31 -13.19
N ALA B 113 -7.72 -0.30 -12.78
CA ALA B 113 -9.16 -0.25 -13.04
C ALA B 113 -9.39 0.45 -14.37
N ILE B 114 -9.99 -0.27 -15.32
CA ILE B 114 -10.10 0.17 -16.71
C ILE B 114 -11.55 0.51 -17.05
N TYR B 115 -11.76 1.77 -17.43
CA TYR B 115 -13.08 2.31 -17.73
C TYR B 115 -13.72 1.68 -18.96
N THR B 116 -14.96 1.25 -18.81
CA THR B 116 -15.71 0.68 -19.93
C THR B 116 -16.98 1.45 -20.34
N GLY B 117 -17.39 2.45 -19.57
CA GLY B 117 -18.61 3.19 -19.85
C GLY B 117 -19.29 3.53 -18.54
N GLY B 118 -20.57 3.86 -18.59
CA GLY B 118 -21.28 4.24 -17.39
C GLY B 118 -22.51 5.06 -17.71
N GLU B 119 -23.11 5.64 -16.72
CA GLU B 119 -24.28 6.44 -16.83
C GLU B 119 -23.97 7.89 -16.47
N TYR B 120 -24.34 8.78 -17.38
CA TYR B 120 -24.07 10.19 -17.19
C TYR B 120 -24.90 10.95 -18.21
N PRO B 121 -25.21 12.22 -17.91
CA PRO B 121 -26.06 12.99 -18.82
C PRO B 121 -25.34 13.32 -20.12
N ASN B 122 -26.12 13.79 -21.08
CA ASN B 122 -25.59 14.07 -22.40
C ASN B 122 -24.42 15.06 -22.35
N SER B 123 -24.39 15.90 -21.32
CA SER B 123 -23.35 16.92 -21.16
C SER B 123 -22.08 16.48 -20.43
N GLY B 124 -22.02 15.21 -20.02
CA GLY B 124 -20.80 14.67 -19.43
C GLY B 124 -20.90 14.43 -17.93
N TYR B 125 -19.84 13.89 -17.37
CA TYR B 125 -19.77 13.63 -15.94
C TYR B 125 -19.65 14.93 -15.14
N SER B 126 -20.36 15.01 -14.04
CA SER B 126 -20.20 16.12 -13.12
C SER B 126 -18.92 15.98 -12.30
N SER B 127 -18.40 17.11 -11.83
CA SER B 127 -17.25 17.11 -10.93
C SER B 127 -17.57 16.37 -9.66
N GLY B 128 -16.55 15.75 -9.08
CA GLY B 128 -16.68 15.12 -7.78
C GLY B 128 -15.92 13.82 -7.70
N THR B 129 -16.05 13.12 -6.61
CA THR B 129 -15.45 11.84 -6.39
C THR B 129 -16.43 10.72 -6.72
N TYR B 130 -15.90 9.75 -7.45
CA TYR B 130 -16.64 8.56 -7.88
C TYR B 130 -16.04 7.40 -7.07
N ALA B 131 -16.83 6.82 -6.18
CA ALA B 131 -16.32 5.91 -5.16
C ALA B 131 -16.93 4.52 -5.25
N GLY B 132 -16.18 3.57 -4.72
CA GLY B 132 -16.64 2.20 -4.60
C GLY B 132 -15.72 1.42 -3.67
N HIS B 133 -15.82 0.10 -3.71
CA HIS B 133 -14.92 -0.78 -2.96
C HIS B 133 -14.36 -1.86 -3.86
N LEU B 134 -13.17 -2.32 -3.49
CA LEU B 134 -12.44 -3.37 -4.19
C LEU B 134 -12.12 -4.49 -3.21
N THR B 135 -12.54 -5.70 -3.52
CA THR B 135 -12.24 -6.86 -2.69
C THR B 135 -10.89 -7.46 -3.09
N VAL B 136 -9.99 -7.55 -2.11
CA VAL B 136 -8.71 -8.23 -2.28
C VAL B 136 -8.65 -9.34 -1.22
N SER B 137 -8.34 -10.56 -1.67
CA SER B 137 -8.18 -11.70 -0.77
C SER B 137 -6.87 -12.40 -1.04
N PHE B 138 -6.24 -12.87 0.04
CA PHE B 138 -5.02 -13.66 0.01
C PHE B 138 -5.32 -15.08 0.49
N TYR B 139 -4.72 -16.07 -0.18
CA TYR B 139 -4.93 -17.48 0.09
C TYR B 139 -3.60 -18.17 0.34
N SER B 140 -3.64 -19.22 1.15
CA SER B 140 -2.52 -20.12 1.33
C SER B 140 -2.86 -21.48 0.72
N ASN B 141 -1.87 -22.32 0.50
CA ASN B 141 -1.98 -23.72 0.09
C ASN B 141 -1.88 -24.55 1.33
N ASP B 142 -3.04 -24.91 1.86
CA ASP B 142 -3.12 -25.58 3.15
C ASP B 142 -3.73 -26.97 3.02
N ASN B 143 -2.90 -28.00 3.15
CA ASN B 143 -3.36 -29.37 3.04
C ASN B 143 -4.10 -29.59 1.72
N LYS B 144 -3.52 -29.08 0.64
CA LYS B 144 -4.00 -29.29 -0.72
C LYS B 144 -5.14 -28.34 -1.09
N GLN B 145 -5.64 -27.57 -0.12
CA GLN B 145 -6.79 -26.70 -0.34
C GLN B 145 -6.40 -25.22 -0.31
N ARG B 146 -6.80 -24.48 -1.29
CA ARG B 146 -6.63 -23.06 -1.30
C ARG B 146 -7.54 -22.42 -0.26
N THR B 147 -6.96 -21.84 0.76
CA THR B 147 -7.63 -21.34 1.96
C THR B 147 -7.45 -19.84 2.18
N GLU B 148 -8.57 -19.13 2.36
CA GLU B 148 -8.52 -17.67 2.56
C GLU B 148 -7.92 -17.33 3.91
N ILE B 149 -6.84 -16.55 3.91
CA ILE B 149 -6.19 -16.15 5.14
C ILE B 149 -6.27 -14.66 5.44
N ALA B 150 -6.64 -13.84 4.45
CA ALA B 150 -6.87 -12.42 4.70
C ALA B 150 -7.77 -11.89 3.59
N THR B 151 -8.61 -10.91 3.93
CA THR B 151 -9.41 -10.25 2.93
C THR B 151 -9.84 -8.88 3.44
N LYS B 152 -10.00 -7.94 2.58
CA LYS B 152 -10.47 -6.62 2.77
C LYS B 152 -11.18 -6.03 1.58
N ASN B 153 -12.27 -5.30 1.83
CA ASN B 153 -12.88 -4.43 0.83
C ASN B 153 -12.30 -3.04 1.00
N PHE B 154 -11.34 -2.69 0.15
CA PHE B 154 -10.68 -1.39 0.20
C PHE B 154 -11.54 -0.33 -0.46
N PRO B 155 -11.64 0.86 0.15
CA PRO B 155 -12.27 1.97 -0.58
C PRO B 155 -11.41 2.36 -1.78
N VAL B 156 -12.05 2.64 -2.90
CA VAL B 156 -11.38 3.05 -4.12
C VAL B 156 -12.15 4.21 -4.76
N SER B 157 -11.45 5.01 -5.56
CA SER B 157 -12.11 6.15 -6.20
C SER B 157 -11.31 6.70 -7.37
N THR B 158 -12.02 7.46 -8.18
CA THR B 158 -11.45 8.37 -9.16
C THR B 158 -12.13 9.72 -8.96
N THR B 159 -11.59 10.77 -9.55
CA THR B 159 -12.21 12.09 -9.41
C THR B 159 -12.27 12.81 -10.74
N ILE B 160 -13.25 13.66 -10.90
CA ILE B 160 -13.38 14.68 -11.89
C ILE B 160 -13.25 16.03 -11.19
N SER B 161 -12.28 16.82 -11.51
CA SER B 161 -11.95 18.08 -10.89
C SER B 161 -13.04 19.13 -10.89
#